data_6CCG
#
_entry.id   6CCG
#
_cell.length_a   72.270
_cell.length_b   36.460
_cell.length_c   130.840
_cell.angle_alpha   90.000
_cell.angle_beta   92.420
_cell.angle_gamma   90.000
#
_symmetry.space_group_name_H-M   'C 1 2 1'
#
loop_
_entity.id
_entity.type
_entity.pdbx_description
1 polymer 'Methyl-CpG-binding domain protein 3'
2 polymer DNA
3 non-polymer 'UNKNOWN ATOM OR ION'
4 water water
#
loop_
_entity_poly.entity_id
_entity_poly.type
_entity_poly.pdbx_seq_one_letter_code
_entity_poly.pdbx_strand_id
1 'polypeptide(L)' GSMERKRWECPALPQGWEREEVPRRSGLSAGHRDVFYYSPSGKKFRSKPQLARYLGGSMDLSTFDFRTGKMLM A,B
2 'polydeoxyribonucleotide' (DG)(DC)(DC)(DA)(DG)(5CM)(DG)(DC)(DT)(DG)(DG)(DC) C,D,E,F
#
loop_
_chem_comp.id
_chem_comp.type
_chem_comp.name
_chem_comp.formula
5CM DNA linking 5-METHYL-2'-DEOXY-CYTIDINE-5'-MONOPHOSPHATE 'C10 H16 N3 O7 P'
DA DNA linking 2'-DEOXYADENOSINE-5'-MONOPHOSPHATE 'C10 H14 N5 O6 P'
DC DNA linking 2'-DEOXYCYTIDINE-5'-MONOPHOSPHATE 'C9 H14 N3 O7 P'
DG DNA linking 2'-DEOXYGUANOSINE-5'-MONOPHOSPHATE 'C10 H14 N5 O7 P'
DT DNA linking THYMIDINE-5'-MONOPHOSPHATE 'C10 H15 N2 O8 P'
UNX non-polymer 'UNKNOWN ATOM OR ION' ?
#
# COMPACT_ATOMS: atom_id res chain seq x y z
CA SER A 2 3.62 7.10 13.13
C SER A 2 2.74 7.26 11.90
N MET A 3 1.75 6.38 11.77
CA MET A 3 0.71 6.46 10.70
C MET A 3 -0.65 6.90 11.32
N GLU A 4 -0.61 7.84 12.26
CA GLU A 4 -1.81 8.28 12.97
C GLU A 4 -2.63 9.33 12.15
N ARG A 5 -3.96 9.18 12.17
N ARG A 5 -3.96 9.20 12.19
CA ARG A 5 -4.88 10.22 11.66
CA ARG A 5 -4.87 10.23 11.66
C ARG A 5 -4.89 11.38 12.70
C ARG A 5 -4.94 11.39 12.68
N LYS A 6 -4.67 12.61 12.23
CA LYS A 6 -4.59 13.79 13.10
C LYS A 6 -5.61 14.79 12.62
N ARG A 7 -6.36 15.37 13.54
CA ARG A 7 -7.33 16.43 13.21
C ARG A 7 -7.55 17.35 14.35
N TRP A 8 -7.25 18.64 14.15
CA TRP A 8 -7.62 19.70 15.12
C TRP A 8 -7.62 21.12 14.48
N GLU A 9 -7.83 22.15 15.31
CA GLU A 9 -7.95 23.52 14.82
CA GLU A 9 -7.94 23.54 14.85
C GLU A 9 -6.74 23.94 13.99
N CYS A 10 -7.01 24.56 12.85
CA CYS A 10 -5.96 25.13 12.00
C CYS A 10 -5.90 26.63 12.34
N PRO A 11 -4.84 27.06 13.03
CA PRO A 11 -4.75 28.47 13.42
C PRO A 11 -4.52 29.43 12.25
N ALA A 12 -4.08 28.93 11.10
CA ALA A 12 -3.92 29.78 9.92
C ALA A 12 -5.26 30.19 9.26
N LEU A 13 -6.37 29.55 9.65
CA LEU A 13 -7.72 29.80 9.09
C LEU A 13 -8.65 30.38 10.19
N PRO A 14 -9.86 30.84 9.82
CA PRO A 14 -10.71 31.48 10.83
C PRO A 14 -11.12 30.52 11.95
N GLN A 15 -11.69 31.08 12.99
CA GLN A 15 -12.18 30.33 14.17
C GLN A 15 -13.06 29.17 13.75
N GLY A 16 -12.76 28.00 14.30
CA GLY A 16 -13.54 26.80 14.05
C GLY A 16 -13.13 25.93 12.86
N TRP A 17 -12.20 26.41 11.99
CA TRP A 17 -11.75 25.60 10.86
C TRP A 17 -10.71 24.59 11.37
N GLU A 18 -10.81 23.37 10.89
CA GLU A 18 -9.87 22.31 11.33
C GLU A 18 -9.11 21.72 10.16
N ARG A 19 -7.90 21.20 10.46
CA ARG A 19 -7.01 20.54 9.48
C ARG A 19 -6.85 19.05 9.87
N GLU A 20 -6.85 18.17 8.87
CA GLU A 20 -6.74 16.73 9.09
C GLU A 20 -5.71 16.15 8.13
N GLU A 21 -4.86 15.26 8.69
CA GLU A 21 -3.91 14.46 7.90
C GLU A 21 -4.35 13.03 8.03
N VAL A 22 -4.47 12.33 6.91
CA VAL A 22 -4.89 10.93 6.88
C VAL A 22 -3.86 10.15 6.07
N PRO A 23 -2.92 9.44 6.75
CA PRO A 23 -1.99 8.65 5.96
C PRO A 23 -2.73 7.49 5.26
N ARG A 24 -2.36 7.26 4.01
CA ARG A 24 -2.88 6.10 3.25
C ARG A 24 -2.30 4.80 3.79
N ARG A 25 -3.18 3.78 3.94
CA ARG A 25 -2.85 2.49 4.57
C ARG A 25 -2.30 1.44 3.60
N SER A 26 -2.68 1.52 2.33
CA SER A 26 -2.37 0.48 1.34
CA SER A 26 -2.37 0.49 1.35
C SER A 26 -2.19 1.05 -0.06
N GLY A 27 -1.80 0.18 -0.97
CA GLY A 27 -1.58 0.54 -2.36
C GLY A 27 -0.19 1.11 -2.61
N LEU A 28 0.01 1.56 -3.86
CA LEU A 28 1.27 2.18 -4.33
C LEU A 28 1.67 3.42 -3.53
N SER A 29 0.65 4.18 -3.11
CA SER A 29 0.82 5.42 -2.39
C SER A 29 0.69 5.23 -0.85
N ALA A 30 0.71 3.99 -0.35
CA ALA A 30 0.71 3.77 1.12
C ALA A 30 1.75 4.69 1.78
N GLY A 31 1.40 5.30 2.91
CA GLY A 31 2.31 6.26 3.60
C GLY A 31 2.09 7.73 3.22
N HIS A 32 1.67 8.01 1.98
CA HIS A 32 1.27 9.39 1.57
C HIS A 32 0.19 9.94 2.50
N ARG A 33 0.35 11.19 2.87
CA ARG A 33 -0.56 11.84 3.80
C ARG A 33 -1.45 12.75 2.98
N ASP A 34 -2.72 12.39 2.87
CA ASP A 34 -3.74 13.33 2.36
C ASP A 34 -4.07 14.33 3.45
N VAL A 35 -4.27 15.58 3.04
CA VAL A 35 -4.61 16.68 3.92
C VAL A 35 -6.00 17.20 3.53
N PHE A 36 -6.87 17.32 4.55
CA PHE A 36 -8.22 17.84 4.41
C PHE A 36 -8.40 19.04 5.37
N TYR A 37 -9.33 19.91 5.04
CA TYR A 37 -9.81 20.98 5.95
C TYR A 37 -11.32 20.88 6.16
N TYR A 38 -11.77 21.22 7.36
CA TYR A 38 -13.18 21.18 7.68
C TYR A 38 -13.62 22.54 8.08
N SER A 39 -14.73 23.02 7.48
CA SER A 39 -15.33 24.28 7.93
C SER A 39 -15.95 24.11 9.33
N PRO A 40 -16.32 25.23 10.01
CA PRO A 40 -17.09 25.16 11.28
C PRO A 40 -18.37 24.30 11.19
N SER A 41 -19.02 24.29 10.01
CA SER A 41 -20.22 23.47 9.79
C SER A 41 -19.93 22.04 9.28
N GLY A 42 -18.64 21.64 9.27
CA GLY A 42 -18.26 20.25 8.99
C GLY A 42 -18.10 19.87 7.52
N LYS A 43 -18.16 20.85 6.59
CA LYS A 43 -17.90 20.54 5.16
C LYS A 43 -16.43 20.20 4.98
N LYS A 44 -16.19 19.16 4.17
CA LYS A 44 -14.85 18.64 3.96
C LYS A 44 -14.20 19.20 2.70
N PHE A 45 -13.01 19.76 2.82
CA PHE A 45 -12.24 20.29 1.67
C PHE A 45 -10.98 19.51 1.43
N ARG A 46 -10.67 19.27 0.15
CA ARG A 46 -9.52 18.51 -0.22
C ARG A 46 -8.57 19.16 -1.24
N SER A 47 -8.79 20.44 -1.56
CA SER A 47 -7.85 21.19 -2.40
C SER A 47 -7.91 22.71 -2.11
N LYS A 48 -6.83 23.40 -2.42
CA LYS A 48 -6.78 24.82 -2.21
C LYS A 48 -7.78 25.58 -3.10
N PRO A 49 -7.91 25.18 -4.40
CA PRO A 49 -8.93 25.95 -5.18
C PRO A 49 -10.31 25.81 -4.59
N GLN A 50 -10.68 24.59 -4.20
CA GLN A 50 -11.96 24.35 -3.50
C GLN A 50 -12.12 25.24 -2.25
N LEU A 51 -11.10 25.22 -1.37
CA LEU A 51 -11.06 26.08 -0.17
C LEU A 51 -11.17 27.58 -0.47
N ALA A 52 -10.51 28.02 -1.55
CA ALA A 52 -10.44 29.40 -1.89
C ALA A 52 -11.85 29.96 -2.33
N ARG A 53 -12.71 29.10 -2.85
CA ARG A 53 -14.13 29.51 -3.14
C ARG A 53 -14.96 29.88 -1.87
N TYR A 54 -14.58 29.34 -0.71
CA TYR A 54 -15.25 29.67 0.59
C TYR A 54 -14.56 30.81 1.36
N LEU A 55 -13.23 30.76 1.43
CA LEU A 55 -12.46 31.70 2.25
C LEU A 55 -11.74 32.81 1.49
N GLY A 56 -11.58 32.66 0.17
CA GLY A 56 -10.84 33.61 -0.68
C GLY A 56 -11.25 35.06 -0.49
N GLY A 57 -12.56 35.29 -0.29
CA GLY A 57 -13.07 36.64 0.03
C GLY A 57 -12.73 37.03 1.46
N SER A 58 -13.27 36.26 2.41
CA SER A 58 -13.01 36.40 3.87
C SER A 58 -11.56 36.75 4.25
N MET A 59 -10.59 36.18 3.53
CA MET A 59 -9.18 36.33 3.88
C MET A 59 -8.23 36.09 2.73
N ASP A 60 -6.99 36.51 2.94
CA ASP A 60 -5.89 36.34 1.98
C ASP A 60 -5.36 34.89 2.04
N LEU A 61 -5.61 34.12 0.99
CA LEU A 61 -5.03 32.75 0.86
C LEU A 61 -3.87 32.66 -0.13
N SER A 62 -3.35 33.78 -0.61
CA SER A 62 -2.27 33.74 -1.62
C SER A 62 -1.00 33.01 -1.13
N THR A 63 -0.66 33.18 0.15
CA THR A 63 0.53 32.52 0.74
C THR A 63 0.20 31.34 1.69
N PHE A 64 -1.05 30.86 1.66
CA PHE A 64 -1.46 29.73 2.47
C PHE A 64 -1.02 28.43 1.75
N ASP A 65 -0.22 27.64 2.46
CA ASP A 65 0.31 26.36 1.94
C ASP A 65 -0.63 25.28 2.39
N PHE A 66 -1.45 24.81 1.47
CA PHE A 66 -2.49 23.84 1.76
C PHE A 66 -1.86 22.59 2.41
N ARG A 67 -0.73 22.17 1.89
CA ARG A 67 -0.12 20.90 2.33
C ARG A 67 0.30 20.99 3.81
N THR A 68 0.91 22.12 4.22
CA THR A 68 1.39 22.29 5.61
C THR A 68 0.39 22.96 6.56
N GLY A 69 -0.65 23.62 6.03
CA GLY A 69 -1.64 24.34 6.86
C GLY A 69 -1.21 25.68 7.41
N LYS A 70 -0.15 26.27 6.85
CA LYS A 70 0.45 27.52 7.38
C LYS A 70 0.66 28.52 6.29
N MET A 71 0.70 29.80 6.72
CA MET A 71 1.07 30.88 5.83
C MET A 71 2.60 30.87 5.68
N LEU A 72 3.08 31.05 4.45
CA LEU A 72 4.54 31.03 4.20
C LEU A 72 5.15 32.34 4.66
N MET A 73 6.24 32.23 5.44
CA MET A 73 6.90 33.37 6.07
C MET A 73 7.98 33.91 5.14
N MET B 3 -6.50 -9.53 -6.27
CA MET B 3 -5.59 -9.49 -5.08
C MET B 3 -5.78 -10.72 -4.13
N GLU B 4 -6.38 -11.80 -4.62
CA GLU B 4 -6.59 -13.00 -3.82
C GLU B 4 -5.26 -13.75 -3.60
N ARG B 5 -5.10 -14.26 -2.40
CA ARG B 5 -4.00 -15.18 -2.07
C ARG B 5 -4.47 -16.59 -2.51
N LYS B 6 -3.64 -17.32 -3.27
CA LYS B 6 -4.01 -18.62 -3.81
C LYS B 6 -2.99 -19.62 -3.32
N ARG B 7 -3.45 -20.75 -2.81
CA ARG B 7 -2.54 -21.84 -2.40
C ARG B 7 -3.18 -23.16 -2.60
N TRP B 8 -2.52 -24.04 -3.39
CA TRP B 8 -2.91 -25.46 -3.47
C TRP B 8 -1.79 -26.34 -4.08
N GLU B 9 -2.12 -27.60 -4.37
CA GLU B 9 -1.15 -28.59 -4.90
C GLU B 9 -0.53 -28.08 -6.20
N CYS B 10 0.78 -28.26 -6.29
CA CYS B 10 1.54 -27.94 -7.50
C CYS B 10 1.83 -29.27 -8.21
N PRO B 11 1.13 -29.55 -9.29
CA PRO B 11 1.38 -30.83 -9.97
C PRO B 11 2.77 -30.97 -10.60
N ALA B 12 3.52 -29.88 -10.81
CA ALA B 12 4.87 -30.00 -11.37
C ALA B 12 5.90 -30.52 -10.35
N LEU B 13 5.50 -30.62 -9.07
CA LEU B 13 6.35 -31.11 -7.99
C LEU B 13 5.78 -32.41 -7.40
N PRO B 14 6.53 -33.05 -6.47
CA PRO B 14 6.07 -34.36 -5.98
C PRO B 14 4.80 -34.22 -5.11
N GLN B 15 4.22 -35.37 -4.77
CA GLN B 15 2.96 -35.40 -4.01
C GLN B 15 3.04 -34.61 -2.72
N GLY B 16 2.02 -33.79 -2.47
CA GLY B 16 1.92 -32.99 -1.27
C GLY B 16 2.61 -31.62 -1.31
N TRP B 17 3.40 -31.31 -2.36
CA TRP B 17 4.01 -29.98 -2.46
C TRP B 17 2.95 -28.99 -2.94
N GLU B 18 2.97 -27.80 -2.40
CA GLU B 18 1.98 -26.79 -2.76
C GLU B 18 2.63 -25.51 -3.22
N ARG B 19 1.89 -24.76 -4.07
CA ARG B 19 2.36 -23.48 -4.60
C ARG B 19 1.42 -22.37 -4.10
N GLU B 20 1.98 -21.23 -3.72
CA GLU B 20 1.18 -20.09 -3.22
C GLU B 20 1.58 -18.80 -3.91
N GLU B 21 0.56 -17.96 -4.24
CA GLU B 21 0.76 -16.64 -4.81
C GLU B 21 0.19 -15.67 -3.79
N VAL B 22 0.97 -14.65 -3.42
CA VAL B 22 0.52 -13.62 -2.45
C VAL B 22 0.74 -12.24 -3.08
N PRO B 23 -0.31 -11.55 -3.51
CA PRO B 23 -0.08 -10.23 -4.05
C PRO B 23 0.28 -9.26 -2.95
N ARG B 24 1.24 -8.41 -3.23
CA ARG B 24 1.65 -7.36 -2.30
C ARG B 24 0.57 -6.29 -2.23
N ARG B 25 0.21 -5.92 -1.01
CA ARG B 25 -0.87 -4.96 -0.74
C ARG B 25 -0.43 -3.48 -0.76
N SER B 26 0.83 -3.21 -0.42
CA SER B 26 1.31 -1.82 -0.17
C SER B 26 2.68 -1.57 -0.74
N GLY B 27 3.04 -0.31 -0.85
CA GLY B 27 4.36 0.09 -1.31
C GLY B 27 4.45 0.20 -2.83
N LEU B 28 5.65 0.57 -3.30
CA LEU B 28 5.86 0.79 -4.72
C LEU B 28 5.75 -0.54 -5.53
N SER B 29 5.92 -1.66 -4.85
CA SER B 29 5.70 -3.00 -5.46
C SER B 29 4.27 -3.53 -5.20
N ALA B 30 3.34 -2.68 -4.74
CA ALA B 30 1.94 -3.15 -4.56
C ALA B 30 1.42 -3.79 -5.86
N GLY B 31 0.71 -4.91 -5.73
CA GLY B 31 0.19 -5.66 -6.88
C GLY B 31 1.10 -6.78 -7.39
N HIS B 32 2.43 -6.67 -7.19
CA HIS B 32 3.38 -7.78 -7.50
C HIS B 32 3.01 -8.99 -6.66
N ARG B 33 3.10 -10.17 -7.28
CA ARG B 33 2.75 -11.43 -6.66
C ARG B 33 4.04 -12.10 -6.32
N ASP B 34 4.29 -12.31 -5.05
CA ASP B 34 5.37 -13.23 -4.60
C ASP B 34 4.84 -14.64 -4.72
N VAL B 35 5.72 -15.57 -5.11
CA VAL B 35 5.40 -16.99 -5.23
C VAL B 35 6.24 -17.75 -4.19
N PHE B 36 5.58 -18.63 -3.45
CA PHE B 36 6.18 -19.51 -2.47
C PHE B 36 5.81 -20.98 -2.80
N TYR B 37 6.62 -21.91 -2.32
CA TYR B 37 6.29 -23.34 -2.32
C TYR B 37 6.37 -23.93 -0.92
N TYR B 38 5.48 -24.86 -0.64
CA TYR B 38 5.47 -25.54 0.65
C TYR B 38 5.73 -27.02 0.45
N SER B 39 6.67 -27.58 1.22
CA SER B 39 6.91 -29.03 1.24
C SER B 39 5.72 -29.75 1.91
N PRO B 40 5.62 -31.09 1.80
CA PRO B 40 4.58 -31.84 2.53
C PRO B 40 4.60 -31.58 4.06
N SER B 41 5.80 -31.34 4.60
CA SER B 41 6.00 -31.05 6.03
C SER B 41 5.74 -29.58 6.42
N GLY B 42 5.35 -28.74 5.44
CA GLY B 42 4.99 -27.35 5.71
C GLY B 42 6.12 -26.33 5.62
N LYS B 43 7.34 -26.76 5.28
CA LYS B 43 8.47 -25.82 5.11
C LYS B 43 8.26 -24.86 3.91
N LYS B 44 8.58 -23.56 4.10
CA LYS B 44 8.26 -22.50 3.12
C LYS B 44 9.47 -22.15 2.28
N PHE B 45 9.32 -22.15 0.96
CA PHE B 45 10.39 -21.81 0.06
C PHE B 45 10.06 -20.62 -0.73
N ARG B 46 11.04 -19.72 -0.89
CA ARG B 46 10.81 -18.49 -1.63
C ARG B 46 11.77 -18.24 -2.81
N SER B 47 12.63 -19.24 -3.18
CA SER B 47 13.45 -19.12 -4.41
C SER B 47 13.76 -20.51 -5.00
N LYS B 48 14.08 -20.53 -6.29
CA LYS B 48 14.44 -21.79 -6.95
C LYS B 48 15.74 -22.40 -6.37
N PRO B 49 16.79 -21.58 -6.11
CA PRO B 49 18.01 -22.23 -5.55
C PRO B 49 17.74 -22.89 -4.20
N GLN B 50 16.98 -22.24 -3.35
CA GLN B 50 16.53 -22.85 -2.07
C GLN B 50 15.74 -24.14 -2.29
N LEU B 51 14.75 -24.09 -3.18
CA LEU B 51 13.98 -25.31 -3.57
C LEU B 51 14.87 -26.45 -4.13
N ALA B 52 15.88 -26.10 -4.95
CA ALA B 52 16.70 -27.08 -5.62
C ALA B 52 17.62 -27.86 -4.62
N ARG B 53 17.96 -27.24 -3.50
CA ARG B 53 18.67 -27.94 -2.40
C ARG B 53 17.82 -29.10 -1.76
N TYR B 54 16.49 -29.04 -1.88
CA TYR B 54 15.60 -30.13 -1.35
C TYR B 54 15.17 -31.14 -2.43
N LEU B 55 14.80 -30.65 -3.61
CA LEU B 55 14.24 -31.51 -4.69
C LEU B 55 15.16 -31.84 -5.85
N GLY B 56 16.22 -31.04 -6.05
CA GLY B 56 17.15 -31.21 -7.17
C GLY B 56 17.78 -32.60 -7.31
N GLY B 57 17.94 -33.30 -6.18
CA GLY B 57 18.39 -34.69 -6.19
C GLY B 57 17.23 -35.62 -6.55
N SER B 58 16.07 -35.38 -5.90
CA SER B 58 14.84 -36.18 -6.13
C SER B 58 14.26 -36.05 -7.56
N MET B 59 14.47 -34.90 -8.21
CA MET B 59 13.94 -34.67 -9.55
C MET B 59 14.70 -33.62 -10.35
N ASP B 60 14.44 -33.64 -11.65
CA ASP B 60 14.99 -32.66 -12.57
C ASP B 60 14.24 -31.33 -12.38
N LEU B 61 14.93 -30.27 -11.93
CA LEU B 61 14.34 -28.89 -11.84
C LEU B 61 14.94 -27.93 -12.85
N SER B 62 15.69 -28.45 -13.82
CA SER B 62 16.42 -27.63 -14.77
C SER B 62 15.52 -26.78 -15.67
N THR B 63 14.27 -27.23 -15.90
CA THR B 63 13.30 -26.45 -16.68
C THR B 63 12.05 -26.12 -15.86
N PHE B 64 12.17 -26.13 -14.54
CA PHE B 64 11.05 -25.75 -13.67
C PHE B 64 11.05 -24.26 -13.57
N ASP B 65 9.96 -23.64 -13.99
CA ASP B 65 9.79 -22.18 -13.92
C ASP B 65 9.18 -21.85 -12.57
N PHE B 66 10.01 -21.30 -11.67
CA PHE B 66 9.62 -21.05 -10.30
C PHE B 66 8.43 -20.06 -10.29
N ARG B 67 8.50 -19.04 -11.13
CA ARG B 67 7.46 -17.98 -11.13
C ARG B 67 6.09 -18.60 -11.51
N THR B 68 6.04 -19.45 -12.54
CA THR B 68 4.75 -19.99 -13.04
C THR B 68 4.36 -21.28 -12.37
N GLY B 69 5.34 -22.00 -11.80
CA GLY B 69 5.10 -23.27 -11.17
C GLY B 69 4.99 -24.45 -12.10
N LYS B 70 5.50 -24.31 -13.34
CA LYS B 70 5.36 -25.40 -14.36
C LYS B 70 6.66 -25.65 -15.05
N MET B 71 6.79 -26.86 -15.62
CA MET B 71 7.91 -27.19 -16.46
C MET B 71 7.71 -26.49 -17.79
N LEU B 72 8.77 -25.94 -18.34
CA LEU B 72 8.69 -25.27 -19.66
C LEU B 72 8.86 -26.27 -20.77
N MET B 73 8.10 -26.08 -21.86
CA MET B 73 8.31 -26.83 -23.12
C MET B 73 9.59 -26.36 -23.81
N1 5CM C 6 -7.20 6.66 -3.75
C2 5CM C 6 -7.77 7.33 -4.88
N3 5CM C 6 -8.17 8.64 -4.78
C4 5CM C 6 -8.03 9.34 -3.62
C5 5CM C 6 -7.44 8.66 -2.44
C5A 5CM C 6 -7.23 9.33 -1.09
C6 5CM C 6 -7.04 7.33 -2.56
O2 5CM C 6 -7.94 6.80 -5.99
N4 5CM C 6 -8.44 10.61 -3.60
C1' 5CM C 6 -6.78 5.26 -3.86
C1' 5CM C 6 -6.79 5.24 -3.86
C2' 5CM C 6 -5.32 5.18 -4.28
C2' 5CM C 6 -5.41 5.17 -4.40
C3' 5CM C 6 -4.74 4.03 -3.54
C3' 5CM C 6 -4.65 4.19 -3.58
C4' 5CM C 6 -5.95 3.44 -2.86
C4' 5CM C 6 -5.58 3.80 -2.48
O4' 5CM C 6 -6.85 4.53 -2.65
O4' 5CM C 6 -6.78 4.58 -2.60
O3' 5CM C 6 -4.26 3.02 -4.41
O3' 5CM C 6 -4.25 3.08 -4.39
C5' 5CM C 6 -5.62 2.72 -1.60
C5' 5CM C 6 -4.93 4.09 -1.17
O5' 5CM C 6 -5.55 3.66 -0.55
O5' 5CM C 6 -5.33 3.05 -0.34
P 5CM C 6 -6.20 3.07 0.75
P 5CM C 6 -5.91 3.40 1.08
OP1 5CM C 6 -6.08 1.60 0.60
OP1 5CM C 6 -5.58 2.25 2.01
OP2 5CM C 6 -5.67 3.77 1.99
OP2 5CM C 6 -5.44 4.81 1.40
N1 5CM D 6 -8.46 15.26 -7.64
C2 5CM D 6 -7.78 14.02 -7.81
N3 5CM D 6 -7.11 13.41 -6.80
C4 5CM D 6 -7.07 14.01 -5.59
C5 5CM D 6 -7.73 15.28 -5.40
C5A 5CM D 6 -7.73 15.99 -4.08
C6 5CM D 6 -8.41 15.85 -6.47
O2 5CM D 6 -7.80 13.48 -8.88
N4 5CM D 6 -6.42 13.44 -4.60
C1' 5CM D 6 -9.21 15.86 -8.79
C2' 5CM D 6 -10.65 16.38 -8.55
C3' 5CM D 6 -10.89 17.15 -9.82
C4' 5CM D 6 -9.51 17.64 -10.20
O4' 5CM D 6 -8.52 16.94 -9.37
O3' 5CM D 6 -11.25 16.30 -10.89
C5' 5CM D 6 -9.33 19.13 -10.03
O5' 5CM D 6 -9.70 19.50 -8.73
P 5CM D 6 -9.41 20.98 -8.21
OP1 5CM D 6 -10.23 21.97 -9.05
OP2 5CM D 6 -9.62 20.97 -6.73
N1 5CM E 6 8.95 -6.22 1.12
C2 5CM E 6 10.32 -6.54 1.35
N3 5CM E 6 10.77 -7.81 1.22
C4 5CM E 6 9.96 -8.82 0.87
C5 5CM E 6 8.53 -8.53 0.62
C5A 5CM E 6 7.52 -9.58 0.24
C6 5CM E 6 8.09 -7.21 0.75
O2 5CM E 6 11.18 -5.75 1.67
N4 5CM E 6 10.50 -10.05 0.77
C1' 5CM E 6 8.40 -4.83 1.20
C1' 5CM E 6 8.49 -4.84 1.29
C2' 5CM E 6 7.89 -4.34 -0.18
C2' 5CM E 6 8.42 -4.12 0.01
C3' 5CM E 6 6.93 -3.22 0.10
C3' 5CM E 6 7.17 -3.29 0.02
C4' 5CM E 6 6.55 -3.47 1.58
C4' 5CM E 6 6.40 -3.80 1.17
O4' 5CM E 6 7.25 -4.68 2.00
O4' 5CM E 6 7.19 -4.78 1.85
O3' 5CM E 6 7.49 -1.89 0.08
C5' 5CM E 6 5.08 -3.70 1.78
C5' 5CM E 6 5.27 -4.55 0.57
O5' 5CM E 6 4.76 -4.89 1.02
O5' 5CM E 6 4.56 -4.91 1.67
P 5CM E 6 3.43 -5.63 1.40
P 5CM E 6 3.23 -5.68 1.54
OP1 5CM E 6 2.29 -4.65 1.41
OP1 5CM E 6 2.12 -4.69 1.43
OP2 5CM E 6 3.35 -6.86 0.52
OP2 5CM E 6 3.40 -6.77 0.51
N1 5CM F 6 16.07 -12.27 -1.50
C2 5CM F 6 15.60 -10.92 -1.53
N3 5CM F 6 14.33 -10.65 -1.82
C4 5CM F 6 13.45 -11.63 -2.13
C5 5CM F 6 13.92 -13.04 -2.11
C5A 5CM F 6 12.99 -14.18 -2.44
C6 5CM F 6 15.23 -13.28 -1.78
O2 5CM F 6 16.39 -9.98 -1.25
N4 5CM F 6 12.21 -11.34 -2.43
C1' 5CM F 6 17.49 -12.50 -1.10
C2' 5CM F 6 17.77 -13.55 0.02
C3' 5CM F 6 19.24 -13.72 -0.14
C4' 5CM F 6 19.46 -13.46 -1.63
O4' 5CM F 6 18.24 -12.90 -2.17
O3' 5CM F 6 19.93 -12.68 0.51
C5' 5CM F 6 19.78 -14.67 -2.45
O5' 5CM F 6 18.81 -15.66 -2.21
P 5CM F 6 18.89 -17.03 -3.05
OP1 5CM F 6 20.22 -17.71 -2.77
OP2 5CM F 6 17.65 -17.76 -2.79
UNK UNX G . -10.36 18.68 -5.31
UNK UNX H . -14.71 12.86 7.63
UNK UNX I . 0.33 16.03 1.54
UNK UNX J . -17.49 21.67 -2.96
UNK UNX K . 5.96 -13.59 -9.50
UNK UNX L . 3.31 -10.18 -10.39
UNK UNX M . -20.98 -1.47 -6.22
UNK UNX N . 15.62 -16.74 -1.00
UNK UNX O . 19.90 -11.63 -5.26
UNK UNX P . 11.01 -4.16 16.96
#